data_2G83
#
_entry.id   2G83
#
_cell.length_a   103.130
_cell.length_b   103.130
_cell.length_c   206.990
_cell.angle_alpha   90.00
_cell.angle_beta   90.00
_cell.angle_gamma   120.00
#
_symmetry.space_group_name_H-M   'P 32 2 1'
#
loop_
_entity.id
_entity.type
_entity.pdbx_description
1 polymer 'Guanine nucleotide-binding protein G(i), alpha-1 subunit'
2 polymer 'KB-1753 phage display peptide'
3 non-polymer 'TETRAFLUOROALUMINATE ION'
4 non-polymer 'MAGNESIUM ION'
5 non-polymer "GUANOSINE-5'-DIPHOSPHATE"
6 water water
#
loop_
_entity_poly.entity_id
_entity_poly.type
_entity_poly.pdbx_seq_one_letter_code
_entity_poly.pdbx_strand_id
1 'polypeptide(L)'
;EVKLLLLGAGESGKSTIVKQMKIIHEAGYSEEECKQYKAVVYSNTIQSIIAIIRAMGRLKIDFGDSARADDARQLFVLAG
AAEEGFMTAELAGVIKRLWKDSGVQACFNRSREYQLNDSAAYYLNDLDRIAQPNYIPTQQDVLRTRVKTTGIVETHFTFK
DLHFKMFDVGGQRSERKKWIHCFEGVTAIIFCVALSDYDLVLAEDEEMNRMHESMKLFDSICNNKWFTDTSIILFLNKKD
LFEEKIKKSPLTICYPEYAGSNTYEEAAAYIQCQFEDLNKRKDTKEIYTHFTCATDTKNVQFVFDAVTDVIIK
;
A,B
2 'polypeptide(L)' RGYYHGIWVGE C,D
#
# COMPACT_ATOMS: atom_id res chain seq x y z
N GLU A 1 28.53 -56.26 4.07
CA GLU A 1 27.29 -56.39 3.31
C GLU A 1 27.40 -56.60 1.86
N VAL A 2 26.45 -57.27 1.27
CA VAL A 2 26.73 -58.25 0.27
C VAL A 2 25.40 -58.65 -0.25
N LYS A 3 25.21 -58.46 -1.54
CA LYS A 3 24.03 -58.88 -2.20
C LYS A 3 24.37 -60.03 -3.02
N LEU A 4 23.78 -61.17 -2.76
CA LEU A 4 24.08 -62.32 -3.53
C LEU A 4 22.86 -62.75 -4.19
N LEU A 5 22.94 -63.37 -5.33
CA LEU A 5 21.79 -63.60 -6.08
C LEU A 5 22.00 -64.89 -6.71
N LEU A 6 21.03 -65.72 -6.78
CA LEU A 6 21.26 -66.92 -7.41
C LEU A 6 20.37 -67.15 -8.51
N LEU A 7 20.98 -67.53 -9.60
CA LEU A 7 20.33 -67.59 -10.83
C LEU A 7 20.56 -68.79 -11.64
N GLY A 8 19.76 -68.96 -12.61
CA GLY A 8 19.85 -70.17 -13.27
C GLY A 8 18.53 -70.45 -13.84
N ALA A 9 18.41 -71.59 -14.43
CA ALA A 9 17.27 -71.92 -15.09
C ALA A 9 16.73 -72.91 -14.25
N GLY A 10 15.73 -73.57 -14.70
CA GLY A 10 14.87 -74.17 -13.78
C GLY A 10 15.44 -75.45 -13.38
N GLU A 11 15.38 -75.74 -12.12
CA GLU A 11 15.84 -76.96 -11.66
C GLU A 11 17.30 -77.10 -11.73
N SER A 12 18.03 -76.05 -11.56
CA SER A 12 19.44 -76.11 -11.66
C SER A 12 20.17 -76.28 -10.44
N GLY A 13 19.51 -76.16 -9.31
CA GLY A 13 20.14 -76.39 -8.06
C GLY A 13 20.06 -75.22 -7.21
N LYS A 14 19.35 -74.22 -7.55
CA LYS A 14 19.57 -73.07 -6.78
C LYS A 14 19.20 -73.15 -5.39
N SER A 15 18.15 -73.84 -5.07
CA SER A 15 17.42 -73.61 -3.90
C SER A 15 18.07 -74.55 -2.95
N THR A 16 18.76 -75.48 -3.49
CA THR A 16 19.52 -76.38 -2.72
C THR A 16 20.76 -75.77 -2.24
N ILE A 17 21.10 -74.64 -2.69
CA ILE A 17 22.39 -74.20 -2.38
C ILE A 17 22.17 -73.24 -1.37
N VAL A 18 20.97 -73.17 -0.92
CA VAL A 18 20.49 -72.13 -0.11
C VAL A 18 20.25 -72.85 1.09
N LYS A 19 19.76 -74.01 0.91
CA LYS A 19 19.70 -74.94 1.93
C LYS A 19 20.95 -75.23 2.60
N GLN A 20 22.06 -75.22 1.94
CA GLN A 20 23.29 -75.38 2.61
C GLN A 20 23.89 -74.19 3.14
N MET A 21 23.47 -73.10 2.65
CA MET A 21 24.08 -72.01 3.16
C MET A 21 23.65 -71.97 4.54
N LYS A 22 23.10 -73.02 5.01
CA LYS A 22 22.32 -72.86 6.17
C LYS A 22 22.61 -73.91 7.11
N ILE A 23 22.77 -75.06 6.59
CA ILE A 23 23.49 -76.04 7.24
C ILE A 23 24.86 -75.63 7.42
N ILE A 24 25.39 -74.79 6.61
CA ILE A 24 26.76 -74.52 6.81
C ILE A 24 26.90 -73.51 7.83
N HIS A 25 26.20 -72.44 7.69
CA HIS A 25 26.53 -71.25 8.37
C HIS A 25 25.55 -71.05 9.48
N GLU A 26 24.93 -72.13 9.86
CA GLU A 26 24.02 -72.08 10.92
C GLU A 26 23.77 -73.45 11.28
N ALA A 27 22.67 -73.73 11.88
CA ALA A 27 22.66 -75.00 12.41
C ALA A 27 22.09 -76.05 11.61
N GLY A 28 21.24 -75.68 10.74
CA GLY A 28 20.84 -76.67 9.84
C GLY A 28 19.59 -77.12 10.43
N TYR A 29 19.21 -78.32 10.12
CA TYR A 29 17.85 -78.70 10.17
C TYR A 29 17.61 -79.61 11.34
N SER A 30 16.44 -79.51 11.92
CA SER A 30 16.35 -79.80 13.29
C SER A 30 15.61 -81.05 13.07
N GLU A 31 14.91 -81.46 14.09
CA GLU A 31 14.00 -82.49 13.94
C GLU A 31 12.69 -81.98 13.63
N GLU A 32 12.42 -80.81 14.08
CA GLU A 32 11.10 -80.41 13.91
C GLU A 32 11.10 -79.81 12.62
N GLU A 33 12.29 -79.54 12.17
CA GLU A 33 12.52 -79.08 10.87
C GLU A 33 12.55 -80.24 10.00
N CYS A 34 13.47 -81.14 10.16
CA CYS A 34 13.40 -82.30 9.34
C CYS A 34 12.00 -82.77 9.05
N LYS A 35 11.04 -82.50 9.88
CA LYS A 35 9.83 -83.26 9.96
C LYS A 35 8.81 -82.65 9.10
N GLN A 36 8.94 -81.39 8.87
CA GLN A 36 8.02 -80.78 8.04
C GLN A 36 8.26 -81.04 6.62
N TYR A 37 9.26 -81.85 6.33
CA TYR A 37 9.68 -82.14 5.00
C TYR A 37 9.26 -83.55 4.77
N LYS A 38 8.95 -84.22 5.81
CA LYS A 38 8.45 -85.52 5.68
C LYS A 38 7.51 -85.59 4.62
N ALA A 39 6.86 -84.53 4.35
CA ALA A 39 5.64 -84.73 3.66
C ALA A 39 5.86 -84.46 2.27
N VAL A 40 6.89 -83.71 2.01
CA VAL A 40 7.40 -83.58 0.70
C VAL A 40 8.09 -84.79 0.29
N VAL A 41 8.93 -85.28 1.12
CA VAL A 41 9.52 -86.44 0.72
C VAL A 41 8.63 -87.35 0.04
N TYR A 42 7.35 -87.31 0.30
CA TYR A 42 6.53 -88.47 0.19
C TYR A 42 5.76 -88.17 -0.97
N SER A 43 5.61 -86.91 -1.15
CA SER A 43 5.03 -86.34 -2.28
C SER A 43 5.84 -86.51 -3.48
N ASN A 44 7.07 -86.18 -3.38
CA ASN A 44 7.97 -86.36 -4.42
C ASN A 44 8.08 -87.73 -4.85
N THR A 45 7.88 -88.66 -3.97
CA THR A 45 8.24 -90.01 -4.15
C THR A 45 7.13 -90.65 -4.82
N ILE A 46 5.97 -90.16 -4.60
CA ILE A 46 4.84 -90.68 -5.23
C ILE A 46 4.68 -90.15 -6.57
N GLN A 47 4.93 -88.90 -6.77
CA GLN A 47 4.71 -88.44 -8.04
C GLN A 47 5.71 -88.90 -8.98
N SER A 48 6.79 -89.40 -8.50
CA SER A 48 7.77 -89.84 -9.39
C SER A 48 7.48 -91.17 -9.85
N ILE A 49 7.00 -92.01 -9.02
CA ILE A 49 6.79 -93.35 -9.42
C ILE A 49 5.64 -93.41 -10.28
N ILE A 50 4.87 -92.39 -10.25
CA ILE A 50 3.69 -92.38 -10.98
C ILE A 50 3.90 -91.91 -12.32
N ALA A 51 4.98 -91.29 -12.57
CA ALA A 51 5.15 -90.62 -13.74
C ALA A 51 5.87 -91.47 -14.59
N ILE A 52 6.60 -92.36 -14.00
CA ILE A 52 7.07 -93.52 -14.64
C ILE A 52 6.04 -94.49 -15.01
N ILE A 53 5.27 -94.90 -14.11
CA ILE A 53 4.15 -95.61 -14.56
C ILE A 53 3.65 -94.93 -15.74
N ARG A 54 3.10 -93.77 -15.55
CA ARG A 54 2.33 -93.19 -16.58
C ARG A 54 3.01 -93.26 -17.87
N ALA A 55 4.29 -93.39 -17.82
CA ALA A 55 5.07 -93.04 -18.92
C ALA A 55 5.14 -94.19 -19.78
N MET A 56 4.75 -95.30 -19.25
CA MET A 56 4.99 -96.54 -19.86
C MET A 56 3.83 -96.77 -20.73
N GLY A 57 2.69 -96.53 -20.18
CA GLY A 57 1.64 -95.98 -20.98
C GLY A 57 1.64 -94.60 -21.53
N ARG A 58 2.77 -94.42 -22.36
CA ARG A 58 3.04 -93.91 -23.66
C ARG A 58 4.11 -94.44 -24.49
N LEU A 59 5.06 -95.05 -23.83
CA LEU A 59 6.23 -95.47 -24.49
C LEU A 59 5.99 -96.88 -24.66
N LYS A 60 4.85 -97.30 -24.22
CA LYS A 60 4.54 -98.66 -24.29
C LYS A 60 5.46 -99.69 -23.83
N ILE A 61 5.56 -99.83 -22.55
CA ILE A 61 6.50 -100.71 -21.98
C ILE A 61 5.77 -101.52 -21.04
N ASP A 62 6.40 -102.54 -20.58
CA ASP A 62 5.65 -103.61 -20.18
C ASP A 62 6.32 -104.03 -18.98
N PHE A 63 5.56 -104.23 -17.95
CA PHE A 63 6.09 -104.53 -16.72
C PHE A 63 6.79 -105.78 -16.89
N GLY A 64 7.71 -106.08 -16.03
CA GLY A 64 8.18 -107.43 -15.95
C GLY A 64 7.20 -108.52 -15.64
N ASP A 65 6.27 -108.26 -14.77
CA ASP A 65 5.45 -109.27 -14.25
C ASP A 65 4.10 -108.81 -14.37
N SER A 66 3.27 -109.69 -14.82
CA SER A 66 1.93 -109.24 -15.15
C SER A 66 1.17 -108.76 -13.91
N ALA A 67 2.03 -108.91 -12.91
CA ALA A 67 1.41 -109.03 -11.67
C ALA A 67 1.40 -107.67 -11.20
N ARG A 68 2.00 -106.82 -11.94
CA ARG A 68 2.37 -105.63 -11.34
C ARG A 68 1.40 -104.70 -11.82
N ALA A 69 0.49 -105.21 -12.57
CA ALA A 69 -0.46 -104.38 -13.10
C ALA A 69 -1.55 -104.13 -12.18
N ASP A 70 -1.63 -104.83 -11.09
CA ASP A 70 -2.57 -104.46 -10.10
C ASP A 70 -1.93 -103.51 -9.24
N ASP A 71 -0.66 -103.58 -9.16
CA ASP A 71 -0.08 -102.90 -8.14
C ASP A 71 -0.17 -101.54 -8.67
N ALA A 72 -0.42 -101.42 -9.92
CA ALA A 72 -0.40 -100.13 -10.51
C ALA A 72 -1.73 -99.56 -10.59
N ARG A 73 -2.69 -100.39 -10.84
CA ARG A 73 -4.01 -99.97 -10.80
C ARG A 73 -4.22 -99.40 -9.49
N GLN A 74 -3.38 -99.71 -8.59
CA GLN A 74 -3.80 -99.52 -7.28
C GLN A 74 -2.92 -98.53 -6.65
N LEU A 75 -1.85 -98.15 -7.30
CA LEU A 75 -1.21 -96.94 -6.95
C LEU A 75 -2.07 -95.77 -7.09
N PHE A 76 -2.64 -95.59 -8.22
CA PHE A 76 -3.55 -94.54 -8.31
C PHE A 76 -4.64 -94.58 -7.41
N VAL A 77 -5.12 -95.69 -7.06
CA VAL A 77 -6.17 -95.51 -6.17
C VAL A 77 -5.49 -94.86 -5.09
N LEU A 78 -5.47 -95.10 -5.77
CA LEU A 78 -5.23 -94.67 -4.46
C LEU A 78 -4.39 -93.50 -4.31
N ALA A 79 -3.83 -92.96 -3.95
CA ALA A 79 -3.34 -91.67 -3.77
C ALA A 79 -4.41 -90.65 -3.93
N GLU A 90 1.53 -100.04 3.24
CA GLU A 90 0.84 -100.77 2.20
C GLU A 90 0.84 -100.19 0.84
N LEU A 91 0.95 -98.88 0.73
CA LEU A 91 1.31 -98.18 -0.47
C LEU A 91 2.79 -98.14 -0.62
N ALA A 92 3.52 -98.40 0.39
CA ALA A 92 4.87 -98.47 0.14
C ALA A 92 5.15 -99.74 -0.49
N GLY A 93 4.43 -100.71 -0.08
CA GLY A 93 4.62 -102.01 -0.64
C GLY A 93 4.40 -101.89 -2.06
N VAL A 94 3.45 -101.13 -2.47
CA VAL A 94 3.17 -101.14 -3.84
C VAL A 94 4.28 -100.66 -4.63
N ILE A 95 5.10 -99.86 -4.06
CA ILE A 95 5.81 -98.96 -4.83
C ILE A 95 7.08 -99.61 -4.94
N LYS A 96 7.55 -100.02 -3.83
CA LYS A 96 8.62 -100.89 -3.84
C LYS A 96 8.34 -101.83 -4.88
N ARG A 97 7.33 -102.60 -4.73
CA ARG A 97 7.22 -103.66 -5.68
C ARG A 97 7.34 -103.25 -7.07
N LEU A 98 7.10 -102.03 -7.39
CA LEU A 98 7.03 -101.61 -8.75
C LEU A 98 8.35 -101.09 -9.06
N TRP A 99 8.86 -100.25 -8.22
CA TRP A 99 10.17 -99.82 -8.42
C TRP A 99 11.00 -100.90 -9.00
N LYS A 100 10.70 -102.12 -8.74
CA LYS A 100 11.63 -103.15 -9.11
C LYS A 100 11.26 -104.04 -10.16
N ASP A 101 10.26 -103.70 -10.92
CA ASP A 101 9.99 -104.45 -12.05
C ASP A 101 11.05 -104.20 -12.97
N SER A 102 11.58 -105.23 -13.54
CA SER A 102 12.45 -105.04 -14.61
C SER A 102 11.90 -104.00 -15.42
N GLY A 103 10.62 -103.86 -15.44
CA GLY A 103 10.02 -103.22 -16.54
C GLY A 103 10.10 -101.78 -16.24
N VAL A 104 9.61 -101.43 -15.11
CA VAL A 104 9.56 -100.09 -14.75
C VAL A 104 10.87 -99.54 -14.75
N GLN A 105 11.89 -100.33 -14.62
CA GLN A 105 13.20 -99.79 -14.58
C GLN A 105 13.73 -99.54 -15.89
N ALA A 106 13.20 -100.14 -16.87
CA ALA A 106 13.45 -99.64 -18.16
C ALA A 106 12.83 -98.36 -18.51
N CYS A 107 11.88 -97.83 -17.80
CA CYS A 107 11.23 -96.68 -18.29
C CYS A 107 11.77 -95.65 -17.49
N PHE A 108 12.71 -96.01 -16.68
CA PHE A 108 13.21 -95.11 -15.74
C PHE A 108 14.49 -94.89 -16.27
N ASN A 109 15.07 -95.86 -16.90
CA ASN A 109 16.21 -95.54 -17.66
C ASN A 109 16.01 -94.76 -18.88
N ARG A 110 14.79 -94.36 -19.10
CA ARG A 110 14.46 -93.58 -20.23
C ARG A 110 13.86 -92.28 -19.90
N SER A 111 14.33 -91.62 -18.89
CA SER A 111 13.61 -90.63 -18.18
C SER A 111 13.56 -89.41 -18.94
N ARG A 112 14.13 -89.41 -20.09
CA ARG A 112 14.41 -88.18 -20.65
C ARG A 112 13.57 -88.09 -21.81
N GLU A 113 12.72 -89.06 -21.94
CA GLU A 113 11.68 -89.01 -22.85
C GLU A 113 10.54 -88.56 -22.10
N TYR A 114 10.76 -88.11 -20.89
CA TYR A 114 9.76 -87.61 -19.99
C TYR A 114 10.35 -86.82 -18.94
N GLN A 115 9.52 -86.22 -18.12
CA GLN A 115 9.94 -85.51 -16.91
C GLN A 115 9.90 -86.12 -15.57
N LEU A 116 11.04 -86.44 -15.03
CA LEU A 116 11.17 -87.10 -13.77
C LEU A 116 12.10 -86.38 -12.96
N ASN A 117 11.85 -86.32 -11.70
CA ASN A 117 12.71 -85.65 -10.82
C ASN A 117 13.93 -86.35 -10.54
N ASP A 118 14.83 -85.71 -9.87
CA ASP A 118 16.16 -86.02 -10.01
C ASP A 118 16.43 -86.94 -8.91
N SER A 119 15.81 -86.66 -7.78
CA SER A 119 15.83 -87.56 -6.65
C SER A 119 14.97 -88.75 -6.73
N ALA A 120 14.12 -88.78 -7.68
CA ALA A 120 13.38 -89.94 -7.90
C ALA A 120 13.81 -91.29 -7.66
N ALA A 121 15.02 -91.60 -7.94
CA ALA A 121 15.74 -92.72 -7.41
C ALA A 121 16.38 -92.69 -6.08
N TYR A 122 16.64 -91.57 -5.49
CA TYR A 122 17.25 -91.61 -4.23
C TYR A 122 16.28 -92.01 -3.20
N TYR A 123 15.04 -91.78 -3.44
CA TYR A 123 14.10 -91.90 -2.41
C TYR A 123 13.51 -93.23 -2.54
N LEU A 124 13.57 -93.81 -3.70
CA LEU A 124 12.81 -94.95 -4.07
C LEU A 124 13.61 -96.06 -3.73
N ASN A 125 14.85 -95.79 -3.55
CA ASN A 125 15.81 -96.79 -3.52
C ASN A 125 16.02 -96.92 -2.08
N ASP A 126 15.35 -96.09 -1.33
CA ASP A 126 15.53 -96.03 0.10
C ASP A 126 14.28 -95.97 0.82
N LEU A 127 13.38 -96.89 0.59
CA LEU A 127 12.01 -96.70 0.88
C LEU A 127 11.76 -97.37 2.15
N ASP A 128 12.33 -98.53 2.29
CA ASP A 128 12.21 -99.20 3.54
C ASP A 128 12.53 -98.21 4.57
N ARG A 129 13.38 -97.28 4.30
CA ARG A 129 13.86 -96.48 5.36
C ARG A 129 12.92 -95.37 5.69
N ILE A 130 12.10 -94.97 4.77
CA ILE A 130 11.34 -93.80 5.01
C ILE A 130 9.88 -93.96 4.95
N ALA A 131 9.45 -95.18 4.74
CA ALA A 131 8.10 -95.59 5.07
C ALA A 131 7.83 -95.94 6.51
N GLN A 132 8.67 -96.75 7.06
CA GLN A 132 8.60 -97.00 8.42
C GLN A 132 8.18 -95.82 9.17
N PRO A 133 7.15 -95.90 9.95
CA PRO A 133 6.51 -94.71 10.40
C PRO A 133 7.30 -94.31 11.49
N ASN A 134 7.26 -93.05 11.80
CA ASN A 134 8.18 -92.61 12.75
C ASN A 134 9.46 -92.48 12.08
N TYR A 135 9.46 -91.74 11.00
CA TYR A 135 10.52 -91.60 10.08
C TYR A 135 10.76 -90.17 10.23
N ILE A 136 12.00 -89.79 10.22
CA ILE A 136 12.31 -88.43 10.18
C ILE A 136 13.32 -88.11 9.20
N PRO A 137 13.10 -87.18 8.33
CA PRO A 137 14.05 -86.90 7.32
C PRO A 137 15.37 -86.49 7.78
N THR A 138 16.41 -86.88 7.09
CA THR A 138 17.73 -86.41 7.33
C THR A 138 18.03 -85.22 6.57
N GLN A 139 19.25 -84.76 6.60
CA GLN A 139 19.54 -83.57 5.93
C GLN A 139 19.69 -83.74 4.52
N GLN A 140 20.15 -84.87 4.12
CA GLN A 140 20.22 -85.08 2.77
C GLN A 140 18.88 -85.33 2.33
N ASP A 141 18.06 -85.91 3.15
CA ASP A 141 16.76 -86.24 2.70
C ASP A 141 16.13 -85.00 2.31
N VAL A 142 16.53 -83.96 2.96
CA VAL A 142 15.88 -82.70 2.89
C VAL A 142 16.43 -81.92 1.77
N LEU A 143 17.69 -82.04 1.55
CA LEU A 143 18.27 -81.41 0.44
C LEU A 143 17.82 -81.96 -0.80
N ARG A 144 17.42 -83.17 -0.82
CA ARG A 144 17.05 -83.75 -1.99
C ARG A 144 15.66 -83.57 -2.35
N THR A 145 15.00 -82.54 -1.96
CA THR A 145 13.62 -82.48 -2.17
C THR A 145 13.33 -81.50 -3.16
N ARG A 146 12.14 -81.51 -3.69
CA ARG A 146 11.78 -80.55 -4.67
C ARG A 146 10.61 -79.76 -4.42
N VAL A 147 10.78 -78.49 -4.57
CA VAL A 147 9.75 -77.56 -4.46
C VAL A 147 10.10 -76.44 -5.27
N LYS A 148 9.27 -76.08 -6.19
CA LYS A 148 9.49 -74.98 -7.04
C LYS A 148 9.53 -73.64 -6.43
N THR A 149 10.47 -72.87 -6.83
CA THR A 149 10.80 -71.71 -6.15
C THR A 149 10.01 -70.89 -7.06
N THR A 150 9.17 -70.01 -6.56
CA THR A 150 8.70 -68.88 -7.32
C THR A 150 8.69 -67.60 -6.58
N GLY A 151 8.37 -66.56 -7.23
CA GLY A 151 8.78 -65.33 -6.66
C GLY A 151 9.82 -65.65 -5.68
N ILE A 152 10.41 -64.64 -5.08
CA ILE A 152 11.76 -64.57 -4.59
C ILE A 152 11.94 -64.49 -3.14
N VAL A 153 12.95 -65.17 -2.64
CA VAL A 153 13.10 -65.41 -1.26
C VAL A 153 14.38 -64.85 -0.83
N GLU A 154 14.41 -64.13 0.26
CA GLU A 154 15.59 -63.51 0.79
C GLU A 154 16.02 -64.23 2.00
N THR A 155 17.28 -64.24 2.29
CA THR A 155 17.84 -65.01 3.34
C THR A 155 19.05 -64.33 3.83
N HIS A 156 19.24 -64.25 5.13
CA HIS A 156 20.44 -63.67 5.69
C HIS A 156 21.44 -64.53 6.33
N PHE A 157 22.66 -64.14 6.22
CA PHE A 157 23.65 -64.82 6.93
C PHE A 157 24.93 -64.12 6.93
N THR A 158 25.76 -64.46 7.89
CA THR A 158 27.05 -63.86 8.08
C THR A 158 28.09 -64.92 8.00
N PHE A 159 29.13 -64.65 7.26
CA PHE A 159 30.21 -65.56 7.09
C PHE A 159 31.43 -64.76 6.94
N LYS A 160 32.44 -65.05 7.70
CA LYS A 160 33.69 -64.41 7.46
C LYS A 160 33.42 -63.00 7.48
N ASP A 161 32.34 -62.65 8.08
CA ASP A 161 32.23 -61.35 8.60
C ASP A 161 31.71 -60.48 7.58
N LEU A 162 31.04 -61.04 6.62
CA LEU A 162 30.04 -60.37 5.88
C LEU A 162 28.65 -60.73 6.06
N HIS A 163 27.79 -59.80 5.80
CA HIS A 163 26.41 -60.04 5.86
C HIS A 163 25.87 -60.26 4.54
N PHE A 164 25.50 -61.47 4.26
CA PHE A 164 25.05 -61.81 2.98
C PHE A 164 23.61 -61.69 2.94
N LYS A 165 23.13 -61.16 1.86
CA LYS A 165 21.78 -61.06 1.62
C LYS A 165 21.47 -61.71 0.35
N MET A 166 20.78 -62.81 0.44
CA MET A 166 20.80 -63.81 -0.56
C MET A 166 19.46 -63.94 -1.16
N PHE A 167 19.40 -63.97 -2.46
CA PHE A 167 18.19 -63.90 -3.16
C PHE A 167 18.03 -65.08 -4.04
N ASP A 168 16.88 -65.66 -4.08
CA ASP A 168 16.70 -66.92 -4.61
C ASP A 168 15.53 -66.87 -5.42
N VAL A 169 15.68 -67.11 -6.68
CA VAL A 169 14.64 -66.99 -7.64
C VAL A 169 14.21 -68.21 -8.33
N GLY A 170 13.19 -68.13 -9.12
CA GLY A 170 12.91 -69.19 -10.03
C GLY A 170 13.23 -69.13 -11.47
N GLY A 171 13.51 -70.25 -12.09
CA GLY A 171 14.11 -70.21 -13.37
C GLY A 171 13.29 -70.47 -14.58
N GLN A 172 12.22 -71.12 -14.41
CA GLN A 172 11.38 -71.28 -15.49
C GLN A 172 11.24 -69.95 -15.96
N ARG A 173 10.68 -69.82 -17.13
CA ARG A 173 10.90 -68.69 -17.90
C ARG A 173 9.90 -67.82 -17.38
N SER A 174 8.87 -68.42 -16.90
CA SER A 174 7.70 -67.74 -16.57
C SER A 174 8.01 -66.91 -15.44
N GLU A 175 9.12 -67.19 -14.81
CA GLU A 175 9.49 -66.43 -13.67
C GLU A 175 10.51 -65.49 -13.94
N ARG A 176 11.19 -65.62 -15.03
CA ARG A 176 12.33 -64.84 -15.14
C ARG A 176 11.83 -63.52 -15.20
N LYS A 177 10.54 -63.42 -15.25
CA LYS A 177 10.03 -62.15 -15.54
C LYS A 177 10.34 -61.20 -14.43
N LYS A 178 10.16 -61.64 -13.21
CA LYS A 178 10.31 -60.84 -12.06
C LYS A 178 11.70 -60.68 -11.49
N TRP A 179 12.70 -60.94 -12.27
CA TRP A 179 14.02 -60.85 -11.77
C TRP A 179 14.54 -59.45 -11.67
N ILE A 180 14.02 -58.50 -12.40
CA ILE A 180 14.74 -57.31 -12.61
C ILE A 180 14.62 -56.49 -11.44
N HIS A 181 13.79 -56.90 -10.58
CA HIS A 181 13.59 -56.11 -9.47
C HIS A 181 14.68 -56.33 -8.44
N CYS A 182 15.49 -57.34 -8.68
CA CYS A 182 16.63 -57.59 -7.88
C CYS A 182 17.89 -57.30 -8.51
N PHE A 183 17.95 -56.37 -9.39
CA PHE A 183 19.14 -56.28 -10.09
C PHE A 183 20.05 -55.20 -9.57
N GLU A 184 19.67 -54.44 -8.58
CA GLU A 184 20.48 -53.33 -8.29
C GLU A 184 21.31 -53.70 -7.19
N GLY A 185 22.57 -53.42 -7.27
CA GLY A 185 23.34 -53.41 -6.10
C GLY A 185 23.96 -54.70 -5.80
N VAL A 186 24.31 -55.42 -6.82
CA VAL A 186 24.56 -56.78 -6.68
C VAL A 186 25.99 -57.01 -6.65
N THR A 187 26.46 -57.84 -5.76
CA THR A 187 27.83 -57.95 -5.48
C THR A 187 28.31 -59.16 -6.21
N ALA A 188 27.50 -60.19 -6.19
CA ALA A 188 27.88 -61.43 -6.71
C ALA A 188 26.73 -62.17 -7.17
N ILE A 189 26.94 -63.00 -8.15
CA ILE A 189 25.97 -63.91 -8.63
C ILE A 189 26.50 -65.25 -8.70
N ILE A 190 25.68 -66.20 -8.37
CA ILE A 190 26.00 -67.51 -8.65
C ILE A 190 25.01 -68.06 -9.56
N PHE A 191 25.44 -68.30 -10.78
CA PHE A 191 24.71 -69.00 -11.79
C PHE A 191 24.83 -70.46 -11.79
N CYS A 192 23.76 -71.19 -11.66
CA CYS A 192 23.84 -72.61 -11.59
C CYS A 192 23.45 -73.27 -12.84
N VAL A 193 24.15 -74.30 -13.25
CA VAL A 193 23.82 -74.98 -14.46
C VAL A 193 23.77 -76.40 -14.17
N ALA A 194 22.79 -77.09 -14.63
CA ALA A 194 22.75 -78.47 -14.42
C ALA A 194 23.47 -79.19 -15.44
N LEU A 195 24.49 -79.89 -15.11
CA LEU A 195 25.25 -80.45 -16.15
C LEU A 195 24.50 -81.50 -16.81
N SER A 196 23.73 -82.22 -16.08
CA SER A 196 23.02 -83.31 -16.61
C SER A 196 21.91 -82.99 -17.50
N ASP A 197 21.91 -81.81 -18.00
CA ASP A 197 20.81 -81.34 -18.77
C ASP A 197 21.07 -81.50 -20.27
N TYR A 198 22.31 -81.69 -20.63
CA TYR A 198 22.68 -81.95 -21.94
C TYR A 198 21.89 -82.78 -22.81
N ASP A 199 21.13 -83.69 -22.34
CA ASP A 199 20.00 -84.19 -23.05
C ASP A 199 18.60 -84.19 -22.79
N LEU A 200 18.19 -83.16 -22.11
CA LEU A 200 16.87 -83.03 -21.75
C LEU A 200 16.34 -81.86 -22.44
N VAL A 201 15.03 -81.77 -22.55
CA VAL A 201 14.42 -80.64 -23.17
C VAL A 201 13.59 -79.98 -22.17
N LEU A 202 13.17 -78.77 -22.44
CA LEU A 202 12.58 -77.96 -21.41
C LEU A 202 11.15 -78.14 -21.24
N ALA A 203 10.72 -78.13 -20.01
CA ALA A 203 9.41 -78.59 -19.69
C ALA A 203 8.50 -77.52 -19.95
N GLU A 204 9.03 -76.39 -20.21
CA GLU A 204 8.17 -75.37 -20.59
C GLU A 204 8.16 -75.42 -22.05
N ASP A 205 8.93 -76.28 -22.62
CA ASP A 205 9.03 -76.16 -23.99
C ASP A 205 9.80 -77.33 -24.37
N GLU A 206 9.12 -78.41 -24.60
CA GLU A 206 9.67 -79.58 -25.17
C GLU A 206 10.57 -79.41 -26.31
N GLU A 207 10.44 -78.34 -27.03
CA GLU A 207 11.37 -78.23 -28.08
C GLU A 207 12.71 -77.64 -27.93
N MET A 208 13.04 -77.31 -26.68
CA MET A 208 14.32 -76.74 -26.28
C MET A 208 15.14 -77.58 -25.39
N ASN A 209 16.35 -77.79 -25.82
CA ASN A 209 17.35 -78.34 -25.01
C ASN A 209 17.61 -77.53 -23.89
N ARG A 210 17.95 -78.18 -22.83
CA ARG A 210 17.94 -77.57 -21.61
C ARG A 210 19.22 -76.97 -21.30
N MET A 211 20.26 -77.35 -21.98
CA MET A 211 21.51 -76.78 -21.71
C MET A 211 21.72 -75.72 -22.67
N HIS A 212 21.04 -75.81 -23.76
CA HIS A 212 20.88 -74.72 -24.62
C HIS A 212 20.22 -73.55 -23.97
N GLU A 213 19.12 -73.76 -23.32
CA GLU A 213 18.47 -72.68 -22.68
C GLU A 213 19.19 -72.10 -21.62
N SER A 214 20.25 -72.70 -21.23
CA SER A 214 20.90 -72.33 -20.03
C SER A 214 21.98 -71.46 -20.44
N MET A 215 22.42 -71.69 -21.63
CA MET A 215 23.47 -70.99 -22.23
C MET A 215 23.00 -69.69 -22.67
N LYS A 216 21.90 -69.70 -23.31
CA LYS A 216 21.29 -68.48 -23.58
C LYS A 216 21.20 -67.59 -22.45
N LEU A 217 20.71 -68.06 -21.35
CA LEU A 217 20.52 -67.26 -20.23
C LEU A 217 21.76 -66.88 -19.69
N PHE A 218 22.63 -67.79 -19.44
CA PHE A 218 23.87 -67.32 -18.93
C PHE A 218 24.27 -66.17 -19.73
N ASP A 219 24.17 -66.25 -21.03
CA ASP A 219 24.76 -65.21 -21.81
C ASP A 219 24.23 -63.90 -21.52
N SER A 220 23.07 -63.88 -20.94
CA SER A 220 22.28 -62.75 -20.97
C SER A 220 22.45 -62.19 -19.66
N ILE A 221 22.87 -62.98 -18.73
CA ILE A 221 23.28 -62.43 -17.51
C ILE A 221 24.69 -62.05 -17.55
N CYS A 222 25.53 -62.84 -18.15
CA CYS A 222 26.91 -62.68 -17.88
C CYS A 222 27.22 -61.31 -18.32
N ASN A 223 26.33 -60.70 -18.99
CA ASN A 223 26.74 -59.78 -19.96
C ASN A 223 25.73 -58.74 -19.84
N ASN A 224 25.28 -58.44 -18.67
CA ASN A 224 24.16 -57.60 -18.59
C ASN A 224 24.63 -56.52 -17.80
N LYS A 225 24.03 -55.40 -18.01
CA LYS A 225 24.78 -54.23 -17.94
C LYS A 225 24.65 -53.87 -16.59
N TRP A 226 24.09 -54.72 -15.79
CA TRP A 226 23.93 -54.37 -14.41
C TRP A 226 24.94 -55.06 -13.69
N PHE A 227 25.64 -55.88 -14.39
CA PHE A 227 26.44 -56.83 -13.74
C PHE A 227 27.83 -56.65 -14.23
N THR A 228 28.36 -55.51 -14.08
CA THR A 228 29.48 -55.24 -14.82
C THR A 228 30.55 -55.08 -13.88
N ASP A 229 30.16 -55.04 -12.65
CA ASP A 229 31.10 -54.84 -11.61
C ASP A 229 30.69 -55.83 -10.58
N THR A 230 29.91 -56.80 -11.01
CA THR A 230 29.40 -57.83 -10.17
C THR A 230 30.28 -58.98 -10.40
N SER A 231 30.57 -59.77 -9.39
CA SER A 231 31.28 -61.00 -9.56
C SER A 231 30.41 -62.07 -10.08
N ILE A 232 30.70 -62.59 -11.24
CA ILE A 232 29.97 -63.67 -11.82
C ILE A 232 30.52 -65.01 -11.53
N ILE A 233 29.77 -65.82 -10.85
CA ILE A 233 30.31 -67.06 -10.46
C ILE A 233 29.48 -68.09 -11.03
N LEU A 234 30.05 -69.13 -11.59
CA LEU A 234 29.29 -70.12 -12.27
C LEU A 234 29.46 -71.45 -11.69
N PHE A 235 28.40 -72.06 -11.22
CA PHE A 235 28.41 -73.38 -10.66
C PHE A 235 27.93 -74.32 -11.67
N LEU A 236 28.68 -75.33 -11.94
CA LEU A 236 28.20 -76.35 -12.80
C LEU A 236 28.10 -77.61 -12.12
N ASN A 237 26.92 -78.18 -12.14
CA ASN A 237 26.38 -78.71 -10.99
C ASN A 237 25.80 -79.94 -11.27
N LYS A 238 25.64 -80.74 -10.31
CA LYS A 238 25.08 -81.97 -10.62
C LYS A 238 26.08 -82.79 -11.27
N LYS A 239 27.24 -82.85 -10.72
CA LYS A 239 28.25 -83.42 -11.46
C LYS A 239 28.19 -84.79 -11.20
N ASP A 240 27.55 -85.14 -10.12
CA ASP A 240 27.27 -86.51 -9.78
C ASP A 240 26.61 -87.27 -10.82
N LEU A 241 25.81 -86.59 -11.58
CA LEU A 241 24.67 -87.15 -12.13
C LEU A 241 25.04 -87.10 -13.51
N PHE A 242 25.80 -86.11 -13.82
CA PHE A 242 26.49 -85.98 -15.04
C PHE A 242 27.38 -87.04 -15.23
N GLU A 243 28.10 -87.33 -14.24
CA GLU A 243 29.13 -88.21 -14.41
C GLU A 243 28.68 -89.58 -14.63
N GLU A 244 27.41 -89.78 -14.70
CA GLU A 244 26.90 -91.04 -14.89
C GLU A 244 26.26 -91.05 -16.12
N LYS A 245 25.40 -90.13 -16.32
CA LYS A 245 24.83 -89.95 -17.60
C LYS A 245 25.85 -90.09 -18.62
N ILE A 246 26.93 -89.42 -18.46
CA ILE A 246 27.78 -89.28 -19.57
C ILE A 246 28.27 -90.53 -20.03
N LYS A 247 27.84 -91.60 -19.46
CA LYS A 247 28.47 -92.85 -19.66
C LYS A 247 27.57 -93.60 -20.55
N LYS A 248 26.44 -93.02 -20.84
CA LYS A 248 25.58 -93.62 -21.77
C LYS A 248 24.67 -92.79 -22.57
N SER A 249 24.78 -91.51 -22.51
CA SER A 249 24.10 -90.66 -23.44
C SER A 249 25.17 -89.76 -23.92
N PRO A 250 25.20 -89.38 -25.17
CA PRO A 250 26.34 -88.73 -25.68
C PRO A 250 26.18 -87.30 -25.88
N LEU A 251 27.23 -86.58 -25.86
CA LEU A 251 27.09 -85.21 -25.86
C LEU A 251 26.64 -84.66 -27.12
N THR A 252 26.90 -85.33 -28.17
CA THR A 252 26.62 -84.78 -29.40
C THR A 252 25.25 -84.36 -29.42
N ILE A 253 24.57 -84.49 -28.33
CA ILE A 253 23.17 -84.33 -28.43
C ILE A 253 22.89 -82.92 -28.20
N CYS A 254 23.75 -82.27 -27.44
CA CYS A 254 23.64 -80.88 -27.19
C CYS A 254 24.46 -80.23 -28.16
N TYR A 255 25.60 -80.80 -28.40
CA TYR A 255 26.57 -80.15 -29.16
C TYR A 255 27.00 -81.01 -30.29
N PRO A 256 26.38 -80.93 -31.43
CA PRO A 256 26.53 -81.94 -32.41
C PRO A 256 27.81 -81.94 -33.07
N GLU A 257 28.60 -80.97 -32.73
CA GLU A 257 29.92 -80.87 -33.19
C GLU A 257 31.01 -81.20 -32.22
N TYR A 258 30.73 -81.80 -31.10
CA TYR A 258 31.78 -82.16 -30.21
C TYR A 258 32.51 -83.24 -30.91
N ALA A 259 33.81 -83.17 -30.90
CA ALA A 259 34.53 -84.22 -31.46
C ALA A 259 35.36 -84.98 -30.55
N GLY A 260 35.06 -84.92 -29.31
CA GLY A 260 35.88 -85.58 -28.39
C GLY A 260 35.22 -86.81 -28.02
N SER A 261 35.76 -87.48 -27.04
CA SER A 261 35.11 -88.51 -26.33
C SER A 261 34.30 -88.11 -25.16
N ASN A 262 33.44 -89.00 -24.75
CA ASN A 262 32.49 -88.67 -23.78
C ASN A 262 32.89 -89.16 -22.53
N THR A 263 33.50 -88.30 -21.80
CA THR A 263 34.00 -88.69 -20.62
C THR A 263 33.81 -87.54 -19.80
N TYR A 264 33.83 -87.74 -18.53
CA TYR A 264 33.44 -86.75 -17.62
C TYR A 264 34.40 -85.73 -17.86
N GLU A 265 35.58 -86.14 -18.08
CA GLU A 265 36.66 -85.28 -18.08
C GLU A 265 36.66 -84.39 -19.25
N GLU A 266 36.33 -84.92 -20.37
CA GLU A 266 36.47 -84.26 -21.60
C GLU A 266 35.30 -83.44 -21.90
N ALA A 267 34.17 -83.85 -21.45
CA ALA A 267 32.98 -83.17 -21.71
C ALA A 267 32.72 -82.10 -20.79
N ALA A 268 33.19 -82.24 -19.62
CA ALA A 268 32.82 -81.36 -18.64
C ALA A 268 33.47 -80.19 -19.01
N ALA A 269 34.45 -80.33 -19.83
CA ALA A 269 35.31 -79.25 -20.08
C ALA A 269 34.96 -78.57 -21.30
N TYR A 270 34.48 -79.29 -22.27
CA TYR A 270 33.94 -78.72 -23.43
C TYR A 270 32.95 -77.80 -22.97
N ILE A 271 32.14 -78.28 -22.09
CA ILE A 271 31.06 -77.55 -21.58
C ILE A 271 31.51 -76.47 -20.73
N GLN A 272 32.53 -76.69 -19.96
CA GLN A 272 32.96 -75.64 -19.11
C GLN A 272 33.16 -74.45 -19.93
N CYS A 273 32.99 -74.58 -21.19
CA CYS A 273 33.84 -73.88 -22.09
C CYS A 273 32.92 -73.22 -22.97
N GLN A 274 31.98 -73.95 -23.45
CA GLN A 274 31.00 -73.34 -24.16
C GLN A 274 30.34 -72.31 -23.42
N PHE A 275 30.51 -72.30 -22.14
CA PHE A 275 29.81 -71.38 -21.34
C PHE A 275 30.68 -70.21 -21.14
N GLU A 276 31.94 -70.43 -20.95
CA GLU A 276 32.83 -69.39 -20.56
C GLU A 276 33.10 -68.47 -21.69
N ASP A 277 32.65 -68.85 -22.83
CA ASP A 277 32.95 -68.15 -24.04
C ASP A 277 31.84 -67.27 -24.44
N LEU A 278 30.95 -66.98 -23.56
CA LEU A 278 29.81 -66.28 -23.94
C LEU A 278 30.01 -65.07 -23.20
N ASN A 279 31.15 -64.97 -22.58
CA ASN A 279 31.65 -63.73 -22.05
C ASN A 279 32.15 -62.91 -23.11
N LYS A 280 31.63 -61.71 -23.20
CA LYS A 280 31.94 -60.81 -24.28
C LYS A 280 32.96 -59.83 -23.86
N ARG A 281 33.40 -59.93 -22.65
CA ARG A 281 34.45 -59.13 -22.17
C ARG A 281 35.49 -59.92 -21.52
N LYS A 282 36.06 -60.86 -22.22
CA LYS A 282 36.86 -61.84 -21.62
C LYS A 282 38.00 -61.19 -21.03
N ASP A 283 37.96 -59.90 -21.06
CA ASP A 283 39.16 -59.18 -21.07
C ASP A 283 39.14 -58.36 -19.85
N THR A 284 38.13 -57.53 -19.78
CA THR A 284 37.66 -56.89 -18.58
C THR A 284 37.11 -57.71 -17.42
N LYS A 285 36.41 -58.81 -17.72
CA LYS A 285 35.58 -59.53 -16.76
C LYS A 285 35.82 -60.97 -16.66
N GLU A 286 36.27 -61.41 -15.51
CA GLU A 286 36.47 -62.80 -15.23
C GLU A 286 35.33 -63.63 -14.72
N ILE A 287 35.30 -64.88 -15.09
CA ILE A 287 34.36 -65.82 -14.55
C ILE A 287 34.97 -66.87 -13.77
N TYR A 288 34.37 -67.08 -12.64
CA TYR A 288 34.89 -67.91 -11.60
C TYR A 288 34.11 -69.18 -11.45
N THR A 289 34.56 -70.29 -11.99
CA THR A 289 33.75 -71.42 -12.27
C THR A 289 34.08 -72.56 -11.37
N HIS A 290 33.07 -73.20 -10.83
CA HIS A 290 33.24 -74.34 -9.99
C HIS A 290 32.41 -75.47 -10.42
N PHE A 291 32.84 -76.68 -10.17
CA PHE A 291 32.05 -77.85 -10.43
C PHE A 291 31.40 -78.36 -9.14
N THR A 292 30.08 -78.51 -9.08
CA THR A 292 29.34 -78.59 -7.85
C THR A 292 28.51 -79.80 -7.71
N CYS A 293 28.25 -80.22 -6.47
CA CYS A 293 27.10 -81.04 -6.09
C CYS A 293 26.26 -80.47 -5.01
N ALA A 294 25.42 -79.53 -5.33
CA ALA A 294 24.61 -78.87 -4.32
C ALA A 294 24.18 -79.75 -3.14
N THR A 295 24.06 -81.02 -3.39
CA THR A 295 23.63 -81.85 -2.34
C THR A 295 24.69 -82.27 -1.40
N ASP A 296 25.89 -82.40 -1.89
CA ASP A 296 27.05 -82.60 -1.09
C ASP A 296 27.33 -81.42 -0.31
N THR A 297 27.23 -81.55 1.00
CA THR A 297 27.51 -80.47 1.90
C THR A 297 28.90 -80.06 2.02
N LYS A 298 29.80 -80.85 1.56
CA LYS A 298 31.17 -80.70 1.88
C LYS A 298 31.89 -80.04 0.77
N ASN A 299 31.59 -80.42 -0.44
CA ASN A 299 31.67 -79.56 -1.60
C ASN A 299 31.27 -78.17 -1.41
N VAL A 300 30.11 -77.95 -0.96
CA VAL A 300 29.56 -76.77 -1.35
C VAL A 300 30.21 -75.85 -0.52
N GLN A 301 30.65 -76.32 0.58
CA GLN A 301 31.15 -75.47 1.60
C GLN A 301 32.52 -75.09 1.41
N PHE A 302 33.33 -76.03 1.09
CA PHE A 302 34.42 -75.74 0.26
C PHE A 302 34.61 -74.79 -0.84
N VAL A 303 33.93 -75.00 -1.93
CA VAL A 303 33.59 -73.91 -2.80
C VAL A 303 33.08 -72.58 -2.39
N PHE A 304 32.23 -72.49 -1.41
CA PHE A 304 31.63 -71.23 -1.18
C PHE A 304 32.53 -70.44 -0.39
N ASP A 305 33.58 -71.05 0.11
CA ASP A 305 34.75 -70.37 0.67
C ASP A 305 35.53 -69.82 -0.43
N ALA A 306 35.99 -70.62 -1.31
CA ALA A 306 36.50 -70.06 -2.50
C ALA A 306 35.82 -68.87 -2.94
N VAL A 307 34.61 -69.04 -3.31
CA VAL A 307 33.78 -67.96 -3.64
C VAL A 307 33.89 -66.73 -2.82
N THR A 308 33.82 -66.81 -1.53
CA THR A 308 33.70 -65.58 -0.87
C THR A 308 35.00 -64.99 -1.00
N ASP A 309 36.04 -65.62 -0.56
CA ASP A 309 37.32 -65.10 -0.85
C ASP A 309 37.28 -65.40 -2.31
N VAL A 310 36.79 -64.57 -3.12
CA VAL A 310 36.86 -63.74 -4.24
C VAL A 310 36.21 -62.44 -4.10
N ILE A 311 34.93 -62.45 -3.89
CA ILE A 311 34.25 -61.29 -3.45
C ILE A 311 35.04 -60.37 -2.62
N ILE A 312 35.68 -60.88 -1.63
CA ILE A 312 36.46 -60.02 -0.88
C ILE A 312 36.98 -59.04 -1.82
N LYS A 313 37.20 -59.15 -2.94
CA LYS A 313 37.33 -58.05 -3.91
C LYS A 313 36.33 -57.12 -4.47
N GLU B 1 -7.67 98.70 -7.02
CA GLU B 1 -9.03 98.38 -6.58
C GLU B 1 -9.65 97.03 -6.81
N VAL B 2 -9.84 96.28 -5.75
CA VAL B 2 -10.21 94.88 -5.75
C VAL B 2 -11.50 94.56 -5.02
N LYS B 3 -12.58 94.22 -5.71
CA LYS B 3 -13.82 93.78 -5.08
C LYS B 3 -13.96 92.34 -4.80
N LEU B 4 -14.16 91.99 -3.55
CA LEU B 4 -14.06 90.66 -3.07
C LEU B 4 -15.31 90.28 -2.38
N LEU B 5 -15.88 89.15 -2.74
CA LEU B 5 -17.14 88.69 -2.26
C LEU B 5 -16.90 87.57 -1.36
N LEU B 6 -17.56 87.52 -0.25
CA LEU B 6 -17.51 86.37 0.55
C LEU B 6 -18.77 85.64 0.65
N LEU B 7 -18.72 84.37 0.31
CA LEU B 7 -19.86 83.64 0.01
C LEU B 7 -19.80 82.29 0.59
N GLY B 8 -20.93 81.72 0.83
CA GLY B 8 -21.00 80.46 1.42
C GLY B 8 -22.18 80.36 2.29
N ALA B 9 -22.41 79.24 2.88
CA ALA B 9 -23.66 78.91 3.38
C ALA B 9 -23.66 79.29 4.73
N GLY B 10 -24.67 78.97 5.46
CA GLY B 10 -24.72 79.56 6.75
C GLY B 10 -23.78 79.00 7.71
N GLU B 11 -23.12 79.86 8.40
CA GLU B 11 -22.15 79.51 9.35
C GLU B 11 -20.95 78.89 8.89
N SER B 12 -20.33 79.41 7.89
CA SER B 12 -19.31 78.63 7.30
C SER B 12 -18.02 79.27 7.49
N GLY B 13 -18.09 80.49 7.92
CA GLY B 13 -16.97 81.18 8.41
C GLY B 13 -16.69 82.47 7.86
N LYS B 14 -17.62 83.07 7.20
CA LYS B 14 -17.37 84.27 6.54
C LYS B 14 -17.21 85.44 7.36
N SER B 15 -17.96 85.55 8.42
CA SER B 15 -18.03 86.81 9.02
C SER B 15 -16.78 86.90 9.90
N THR B 16 -16.19 85.79 10.14
CA THR B 16 -15.06 85.61 10.97
C THR B 16 -13.81 85.95 10.37
N ILE B 17 -13.83 86.26 9.13
CA ILE B 17 -12.67 86.22 8.36
C ILE B 17 -12.47 87.57 7.99
N VAL B 18 -13.53 88.29 8.10
CA VAL B 18 -13.62 89.69 7.95
C VAL B 18 -13.06 90.24 9.18
N LYS B 19 -13.37 89.62 10.26
CA LYS B 19 -12.69 89.88 11.44
C LYS B 19 -11.25 89.88 11.31
N GLN B 20 -10.62 88.82 10.90
CA GLN B 20 -9.23 88.91 10.75
C GLN B 20 -8.65 89.82 9.77
N MET B 21 -9.42 90.34 8.90
CA MET B 21 -8.81 91.24 8.04
C MET B 21 -8.60 92.52 8.69
N LYS B 22 -8.81 92.54 9.97
CA LYS B 22 -8.93 93.76 10.66
C LYS B 22 -7.83 93.77 11.59
N ILE B 23 -7.77 92.71 12.29
CA ILE B 23 -6.61 92.30 12.88
C ILE B 23 -5.43 92.28 12.08
N ILE B 24 -5.46 91.67 10.96
CA ILE B 24 -4.25 91.65 10.23
C ILE B 24 -3.97 92.97 9.81
N HIS B 25 -4.97 93.58 9.30
CA HIS B 25 -4.76 94.54 8.31
C HIS B 25 -5.16 95.80 8.90
N GLU B 26 -5.57 95.71 10.15
CA GLU B 26 -5.65 96.87 10.93
C GLU B 26 -5.77 96.49 12.35
N ALA B 27 -5.71 97.48 13.18
CA ALA B 27 -6.27 97.35 14.47
C ALA B 27 -5.66 96.14 14.82
N GLY B 28 -6.47 95.24 15.22
CA GLY B 28 -6.64 94.60 16.22
C GLY B 28 -7.92 95.14 16.71
N TYR B 29 -8.09 95.06 18.01
CA TYR B 29 -9.36 95.23 18.62
C TYR B 29 -9.01 95.83 19.97
N SER B 30 -9.02 97.14 20.03
CA SER B 30 -8.87 97.84 21.28
C SER B 30 -9.73 97.30 22.32
N GLU B 31 -9.26 97.29 23.53
CA GLU B 31 -9.86 96.44 24.46
C GLU B 31 -11.15 97.03 24.82
N GLU B 32 -11.59 97.92 24.00
CA GLU B 32 -12.64 98.71 24.42
C GLU B 32 -13.58 98.19 23.43
N GLU B 33 -13.10 98.13 22.21
CA GLU B 33 -13.53 97.11 21.32
C GLU B 33 -13.78 95.81 21.98
N CYS B 34 -12.82 95.26 22.68
CA CYS B 34 -12.93 93.86 23.06
C CYS B 34 -14.07 93.64 23.98
N LYS B 35 -14.90 94.64 24.04
CA LYS B 35 -15.57 95.06 25.23
C LYS B 35 -17.04 95.03 25.00
N GLN B 36 -17.45 95.23 23.78
CA GLN B 36 -18.83 95.08 23.52
C GLN B 36 -19.16 93.77 22.99
N TYR B 37 -18.17 93.04 22.63
CA TYR B 37 -18.50 91.70 22.45
C TYR B 37 -18.88 91.06 23.75
N LYS B 38 -18.49 91.68 24.82
CA LYS B 38 -18.83 91.17 26.10
C LYS B 38 -20.09 90.45 26.03
N ALA B 39 -21.09 91.04 25.44
CA ALA B 39 -22.45 90.75 25.79
C ALA B 39 -22.89 89.61 24.99
N VAL B 40 -22.43 89.60 23.76
CA VAL B 40 -22.51 88.45 22.93
C VAL B 40 -21.98 87.20 23.44
N VAL B 41 -20.86 87.24 24.08
CA VAL B 41 -20.30 86.02 24.39
C VAL B 41 -21.30 85.37 25.15
N TYR B 42 -22.17 86.19 25.64
CA TYR B 42 -22.80 85.95 26.90
C TYR B 42 -24.05 85.26 26.51
N SER B 43 -24.78 85.90 25.64
CA SER B 43 -25.71 85.24 24.75
C SER B 43 -25.34 83.92 24.17
N ASN B 44 -24.13 83.83 23.63
CA ASN B 44 -23.78 82.77 22.75
C ASN B 44 -23.72 81.68 23.68
N THR B 45 -23.33 82.01 24.87
CA THR B 45 -23.16 81.02 25.93
C THR B 45 -24.47 80.52 26.42
N ILE B 46 -25.31 81.43 26.85
CA ILE B 46 -26.55 81.00 27.38
C ILE B 46 -26.90 79.93 26.49
N GLN B 47 -27.19 80.37 25.27
CA GLN B 47 -28.17 79.84 24.33
C GLN B 47 -27.67 78.56 23.95
N SER B 48 -26.39 78.51 23.72
CA SER B 48 -25.84 77.24 23.51
C SER B 48 -26.00 76.26 24.55
N ILE B 49 -26.17 76.66 25.78
CA ILE B 49 -26.64 75.56 26.68
C ILE B 49 -28.09 75.53 26.75
N ILE B 50 -28.65 76.62 27.19
CA ILE B 50 -30.20 76.26 26.73
C ILE B 50 -30.65 75.50 25.58
N ALA B 51 -29.89 75.57 24.52
CA ALA B 51 -30.09 74.68 23.45
C ALA B 51 -29.85 73.28 23.73
N ILE B 52 -28.88 73.01 24.55
CA ILE B 52 -28.59 71.67 24.89
C ILE B 52 -29.68 71.14 25.64
N ILE B 53 -30.31 71.96 26.42
CA ILE B 53 -31.31 71.40 27.21
C ILE B 53 -32.50 71.02 26.45
N ARG B 54 -33.00 71.96 25.69
CA ARG B 54 -34.23 71.73 25.08
C ARG B 54 -34.06 70.39 24.59
N ALA B 55 -32.84 70.06 24.31
CA ALA B 55 -32.56 68.86 23.62
C ALA B 55 -32.70 67.78 24.57
N MET B 56 -32.15 67.99 25.73
CA MET B 56 -32.15 66.91 26.62
C MET B 56 -33.56 66.55 26.55
N GLY B 57 -34.41 67.49 26.87
CA GLY B 57 -35.75 67.45 26.37
C GLY B 57 -36.47 67.68 25.08
N ARG B 58 -36.15 66.92 24.07
CA ARG B 58 -36.98 66.17 23.18
C ARG B 58 -36.26 64.92 22.87
N LEU B 59 -35.17 64.72 23.52
CA LEU B 59 -34.26 63.86 22.91
C LEU B 59 -34.24 62.72 23.83
N LYS B 60 -34.45 63.03 25.09
CA LYS B 60 -34.80 62.04 26.07
C LYS B 60 -33.63 61.63 26.85
N ILE B 61 -33.52 62.10 28.06
CA ILE B 61 -32.23 62.46 28.47
C ILE B 61 -32.32 62.75 29.89
N ASP B 62 -32.30 61.73 30.71
CA ASP B 62 -32.28 62.03 32.10
C ASP B 62 -30.94 62.62 32.38
N PHE B 63 -30.98 63.81 32.90
CA PHE B 63 -29.94 64.38 33.66
C PHE B 63 -29.26 64.15 34.95
N GLY B 64 -28.34 63.22 34.97
CA GLY B 64 -27.28 63.32 35.96
C GLY B 64 -27.88 63.75 37.27
N ASP B 65 -27.27 64.73 37.86
CA ASP B 65 -27.83 65.28 39.04
C ASP B 65 -29.16 65.50 38.47
N SER B 66 -30.16 64.76 38.88
CA SER B 66 -31.49 65.21 38.60
C SER B 66 -31.63 66.53 39.27
N ALA B 67 -31.04 66.67 40.43
CA ALA B 67 -31.06 67.99 41.00
C ALA B 67 -31.02 69.28 40.29
N ARG B 68 -30.18 68.92 39.00
CA ARG B 68 -30.31 70.12 38.21
C ARG B 68 -31.50 70.82 37.67
N ALA B 69 -32.63 70.26 38.01
CA ALA B 69 -33.74 70.29 37.12
C ALA B 69 -34.18 71.68 37.19
N ASP B 70 -33.45 72.45 37.95
CA ASP B 70 -34.06 73.59 38.54
C ASP B 70 -33.55 74.86 37.87
N ASP B 71 -32.41 75.32 38.33
CA ASP B 71 -31.33 75.41 37.41
C ASP B 71 -31.75 75.92 36.09
N ALA B 72 -31.51 75.34 35.09
CA ALA B 72 -33.05 74.51 34.45
C ALA B 72 -33.87 75.69 34.34
N ARG B 73 -35.12 75.49 34.63
CA ARG B 73 -35.82 76.67 35.20
C ARG B 73 -35.69 78.02 35.81
N GLN B 74 -34.61 78.16 36.59
CA GLN B 74 -33.85 79.36 36.80
C GLN B 74 -33.27 79.93 35.53
N LEU B 75 -32.55 79.10 34.83
CA LEU B 75 -32.16 79.44 33.50
C LEU B 75 -32.77 80.07 32.33
N PHE B 76 -34.00 79.68 32.13
CA PHE B 76 -34.82 80.31 31.16
C PHE B 76 -35.47 81.50 31.72
N VAL B 77 -35.52 81.54 33.02
CA VAL B 77 -36.22 82.57 33.73
C VAL B 77 -35.50 83.86 33.68
N LEU B 78 -34.26 83.81 34.09
CA LEU B 78 -33.39 84.90 33.86
C LEU B 78 -33.01 84.76 32.46
N ALA B 79 -32.93 83.50 32.07
CA ALA B 79 -32.79 83.17 30.69
C ALA B 79 -32.04 84.31 30.11
N GLU B 90 -24.58 84.34 39.60
CA GLU B 90 -25.61 83.43 40.04
C GLU B 90 -26.09 82.76 38.87
N LEU B 91 -25.84 83.37 37.76
CA LEU B 91 -26.36 82.79 36.63
C LEU B 91 -25.41 81.80 36.16
N ALA B 92 -24.14 81.96 36.40
CA ALA B 92 -23.37 80.83 36.11
C ALA B 92 -24.12 79.73 36.75
N GLY B 93 -24.02 79.73 38.05
CA GLY B 93 -23.33 78.67 38.68
C GLY B 93 -24.17 77.54 38.27
N VAL B 94 -25.39 77.89 38.07
CA VAL B 94 -26.10 77.27 37.04
C VAL B 94 -25.91 76.72 35.69
N ILE B 95 -24.92 77.24 35.02
CA ILE B 95 -24.47 76.67 33.79
C ILE B 95 -23.40 75.85 34.28
N LYS B 96 -22.51 76.52 34.95
CA LYS B 96 -21.46 75.82 35.56
C LYS B 96 -21.97 74.53 36.10
N ARG B 97 -22.80 74.62 37.10
CA ARG B 97 -23.40 73.46 37.66
C ARG B 97 -23.72 72.59 36.51
N LEU B 98 -24.21 73.23 35.51
CA LEU B 98 -24.98 72.58 34.50
C LEU B 98 -24.18 71.96 33.39
N TRP B 99 -23.15 72.66 32.94
CA TRP B 99 -22.24 72.14 31.94
C TRP B 99 -21.79 70.78 32.28
N LYS B 100 -22.04 70.36 33.51
CA LYS B 100 -21.12 69.53 34.24
C LYS B 100 -21.80 68.29 34.57
N ASP B 101 -23.11 68.31 34.56
CA ASP B 101 -23.81 67.09 34.84
C ASP B 101 -23.40 66.27 33.68
N SER B 102 -23.75 65.01 33.62
CA SER B 102 -23.39 64.20 32.48
C SER B 102 -24.51 64.36 31.58
N GLY B 103 -25.63 64.59 32.20
CA GLY B 103 -26.84 64.51 31.47
C GLY B 103 -26.62 65.31 30.24
N VAL B 104 -25.66 66.16 30.39
CA VAL B 104 -25.65 67.36 29.67
C VAL B 104 -24.73 66.95 28.61
N GLN B 105 -23.97 65.92 28.85
CA GLN B 105 -22.78 65.76 28.09
C GLN B 105 -22.79 64.54 27.31
N ALA B 106 -23.20 63.49 27.93
CA ALA B 106 -24.45 62.98 27.54
C ALA B 106 -25.30 63.33 26.38
N CYS B 107 -25.91 64.52 26.55
CA CYS B 107 -26.24 65.28 25.13
C CYS B 107 -25.24 65.93 24.27
N PHE B 108 -24.41 66.69 24.89
CA PHE B 108 -23.64 67.56 24.17
C PHE B 108 -22.86 66.80 23.19
N ASN B 109 -22.99 65.51 23.15
CA ASN B 109 -22.23 64.84 22.18
C ASN B 109 -23.14 64.16 21.33
N ARG B 110 -24.35 64.63 21.25
CA ARG B 110 -25.09 64.21 20.12
C ARG B 110 -25.52 65.39 19.37
N SER B 111 -24.86 66.48 19.60
CA SER B 111 -25.20 67.65 18.93
C SER B 111 -25.69 67.34 17.55
N ARG B 112 -25.19 66.34 16.90
CA ARG B 112 -25.55 66.28 15.55
C ARG B 112 -26.98 66.06 15.37
N GLU B 113 -27.77 66.17 16.39
CA GLU B 113 -29.14 65.77 16.19
C GLU B 113 -29.97 66.90 16.55
N TYR B 114 -29.31 67.92 17.05
CA TYR B 114 -29.85 69.25 17.07
C TYR B 114 -28.90 70.27 16.57
N GLN B 115 -29.12 71.52 16.90
CA GLN B 115 -28.23 72.55 16.41
C GLN B 115 -27.54 73.39 17.44
N LEU B 116 -26.26 73.61 17.27
CA LEU B 116 -25.41 74.15 18.32
C LEU B 116 -24.18 74.94 18.01
N ASN B 117 -24.18 76.17 18.37
CA ASN B 117 -23.05 76.92 18.12
C ASN B 117 -21.85 76.12 18.28
N ASP B 118 -20.88 76.37 17.46
CA ASP B 118 -19.81 75.46 17.35
C ASP B 118 -19.04 75.85 18.50
N SER B 119 -19.20 77.07 18.85
CA SER B 119 -18.20 77.68 19.61
C SER B 119 -18.59 77.55 20.98
N ALA B 120 -19.36 76.57 21.29
CA ALA B 120 -19.92 76.44 22.58
C ALA B 120 -19.50 75.91 23.88
N ALA B 121 -18.77 74.84 23.80
CA ALA B 121 -17.60 74.31 24.40
C ALA B 121 -16.60 75.37 24.58
N TYR B 122 -16.19 76.03 23.55
CA TYR B 122 -15.11 76.92 23.77
C TYR B 122 -15.58 77.70 24.91
N TYR B 123 -16.84 78.00 24.93
CA TYR B 123 -17.25 79.11 25.72
C TYR B 123 -17.53 78.61 27.11
N LEU B 124 -18.11 77.45 27.22
CA LEU B 124 -18.47 76.94 28.47
C LEU B 124 -17.28 76.49 29.23
N ASN B 125 -16.49 75.63 28.65
CA ASN B 125 -15.43 75.13 29.42
C ASN B 125 -14.60 76.19 29.99
N ASP B 126 -14.93 77.44 29.87
CA ASP B 126 -13.90 78.39 30.08
C ASP B 126 -14.32 79.75 30.46
N LEU B 127 -14.88 79.91 31.64
CA LEU B 127 -16.12 80.56 31.86
C LEU B 127 -16.15 81.41 33.06
N ASP B 128 -16.22 80.73 34.18
CA ASP B 128 -15.28 80.93 35.23
C ASP B 128 -14.32 82.00 34.95
N ARG B 129 -14.18 82.35 33.70
CA ARG B 129 -13.16 83.23 33.29
C ARG B 129 -13.86 84.40 32.80
N ILE B 130 -14.94 84.21 32.10
CA ILE B 130 -15.56 85.38 31.60
C ILE B 130 -16.72 85.60 32.44
N ALA B 131 -16.77 84.94 33.56
CA ALA B 131 -17.69 85.39 34.57
C ALA B 131 -17.23 86.52 35.47
N GLN B 132 -16.09 86.41 36.10
CA GLN B 132 -15.43 87.62 36.51
C GLN B 132 -15.91 88.85 35.85
N PRO B 133 -16.81 89.49 36.54
CA PRO B 133 -16.87 90.80 36.72
C PRO B 133 -15.56 91.32 36.30
N ASN B 134 -15.53 92.49 35.69
CA ASN B 134 -14.27 93.04 35.30
C ASN B 134 -13.62 91.92 34.53
N TYR B 135 -14.34 91.41 33.54
CA TYR B 135 -13.88 90.57 32.46
C TYR B 135 -13.82 91.33 31.18
N ILE B 136 -12.72 91.16 30.45
CA ILE B 136 -12.57 91.49 29.05
C ILE B 136 -12.27 90.27 28.29
N PRO B 137 -12.51 90.28 27.00
CA PRO B 137 -12.45 89.07 26.25
C PRO B 137 -11.54 89.21 25.15
N THR B 138 -11.16 88.07 24.61
CA THR B 138 -9.92 87.88 23.94
C THR B 138 -10.26 87.98 22.48
N GLN B 139 -9.43 88.62 21.73
CA GLN B 139 -9.51 88.49 20.33
C GLN B 139 -10.03 87.23 20.00
N GLN B 140 -9.50 86.23 20.61
CA GLN B 140 -9.92 84.96 20.24
C GLN B 140 -11.30 84.83 20.65
N ASP B 141 -11.69 85.46 21.70
CA ASP B 141 -12.89 84.95 22.21
C ASP B 141 -13.89 85.60 21.42
N VAL B 142 -13.43 86.62 20.76
CA VAL B 142 -14.31 87.46 20.11
C VAL B 142 -14.50 87.00 18.73
N LEU B 143 -13.68 86.09 18.31
CA LEU B 143 -13.65 85.65 16.97
C LEU B 143 -14.45 84.45 17.03
N ARG B 144 -14.81 84.09 18.20
CA ARG B 144 -15.58 82.93 18.38
C ARG B 144 -16.99 83.25 18.62
N THR B 145 -17.34 84.48 18.55
CA THR B 145 -18.68 84.91 18.67
C THR B 145 -19.49 84.64 17.49
N ARG B 146 -20.75 84.30 17.70
CA ARG B 146 -21.68 84.10 16.63
C ARG B 146 -22.70 85.18 16.58
N VAL B 147 -22.74 85.85 15.46
CA VAL B 147 -23.81 86.71 15.13
C VAL B 147 -24.17 86.59 13.75
N LYS B 148 -25.33 86.14 13.49
CA LYS B 148 -25.86 86.12 12.18
C LYS B 148 -25.82 87.32 11.32
N THR B 149 -25.32 87.13 10.11
CA THR B 149 -25.11 88.14 9.12
C THR B 149 -26.37 88.23 8.36
N THR B 150 -27.00 89.39 8.33
CA THR B 150 -27.97 89.77 7.33
C THR B 150 -27.64 91.02 6.55
N GLY B 151 -28.26 91.25 5.45
CA GLY B 151 -27.86 92.36 4.68
C GLY B 151 -26.77 93.07 4.05
N ILE B 152 -25.98 92.58 3.26
CA ILE B 152 -24.61 92.79 2.99
C ILE B 152 -23.76 93.84 3.55
N VAL B 153 -22.61 93.46 4.04
CA VAL B 153 -21.74 94.37 4.74
C VAL B 153 -20.47 94.68 4.06
N GLU B 154 -20.22 95.93 3.76
CA GLU B 154 -19.04 96.32 3.06
C GLU B 154 -17.94 96.82 3.94
N THR B 155 -16.71 96.46 3.69
CA THR B 155 -15.57 96.70 4.54
C THR B 155 -14.37 96.90 3.74
N HIS B 156 -13.75 98.07 3.79
CA HIS B 156 -12.51 98.35 3.10
C HIS B 156 -11.19 98.24 3.81
N PHE B 157 -10.19 97.75 3.11
CA PHE B 157 -8.86 97.71 3.59
C PHE B 157 -7.80 97.67 2.53
N THR B 158 -6.54 97.69 2.93
CA THR B 158 -5.42 97.92 2.02
C THR B 158 -4.31 96.98 2.20
N PHE B 159 -3.79 96.48 1.12
CA PHE B 159 -2.88 95.43 1.26
C PHE B 159 -2.07 95.35 0.05
N LYS B 160 -0.79 95.37 0.21
CA LYS B 160 0.04 95.10 -0.90
C LYS B 160 -0.40 95.95 -1.98
N ASP B 161 -1.07 96.98 -1.59
CA ASP B 161 -1.07 98.15 -2.37
C ASP B 161 -2.16 98.06 -3.34
N LEU B 162 -3.18 97.31 -2.99
CA LEU B 162 -4.50 97.36 -3.41
C LEU B 162 -5.54 97.67 -2.45
N HIS B 163 -6.59 98.23 -2.98
CA HIS B 163 -7.69 98.66 -2.20
C HIS B 163 -8.77 97.65 -2.19
N PHE B 164 -8.87 96.90 -1.12
CA PHE B 164 -9.89 95.94 -1.08
C PHE B 164 -11.18 96.46 -0.63
N LYS B 165 -12.17 96.07 -1.38
CA LYS B 165 -13.51 96.19 -1.05
C LYS B 165 -14.18 94.91 -0.94
N MET B 166 -14.52 94.54 0.27
CA MET B 166 -14.86 93.22 0.63
C MET B 166 -16.27 93.24 1.00
N PHE B 167 -17.04 92.28 0.57
CA PHE B 167 -18.41 92.24 0.89
C PHE B 167 -18.73 90.94 1.51
N ASP B 168 -19.59 90.92 2.49
CA ASP B 168 -19.82 89.84 3.41
C ASP B 168 -21.29 89.69 3.51
N VAL B 169 -21.81 88.51 3.28
CA VAL B 169 -23.22 88.31 3.18
C VAL B 169 -23.64 87.21 4.01
N GLY B 170 -24.92 86.98 4.09
CA GLY B 170 -25.43 85.91 4.87
C GLY B 170 -25.76 84.77 4.04
N GLY B 171 -25.77 83.61 4.59
CA GLY B 171 -25.73 82.48 3.75
C GLY B 171 -26.63 81.40 4.11
N GLN B 172 -27.87 81.69 3.98
CA GLN B 172 -28.90 81.02 4.59
C GLN B 172 -29.77 81.26 3.48
N ARG B 173 -30.52 80.27 3.15
CA ARG B 173 -31.27 80.33 2.02
C ARG B 173 -32.03 81.58 1.89
N SER B 174 -32.58 82.06 2.95
CA SER B 174 -33.30 83.28 2.93
C SER B 174 -32.56 84.41 2.52
N GLU B 175 -31.29 84.30 2.33
CA GLU B 175 -30.63 85.53 2.28
C GLU B 175 -29.95 85.66 1.06
N ARG B 176 -30.10 84.71 0.18
CA ARG B 176 -29.12 84.37 -0.76
C ARG B 176 -29.58 85.07 -1.93
N LYS B 177 -30.66 85.73 -1.75
CA LYS B 177 -31.39 86.15 -2.83
C LYS B 177 -31.16 87.58 -3.00
N LYS B 178 -30.74 88.19 -1.95
CA LYS B 178 -30.17 89.47 -2.00
C LYS B 178 -28.91 89.52 -2.74
N TRP B 179 -28.41 88.46 -3.23
CA TRP B 179 -27.03 88.49 -3.43
C TRP B 179 -26.81 89.10 -4.72
N ILE B 180 -27.76 89.21 -5.57
CA ILE B 180 -27.35 89.44 -6.91
C ILE B 180 -26.85 90.75 -6.97
N HIS B 181 -27.13 91.48 -5.98
CA HIS B 181 -27.20 92.86 -6.15
C HIS B 181 -25.81 93.31 -6.08
N CYS B 182 -24.98 92.34 -5.78
CA CYS B 182 -23.55 92.47 -5.77
C CYS B 182 -22.70 91.70 -6.68
N PHE B 183 -23.25 91.03 -7.64
CA PHE B 183 -22.42 90.25 -8.47
C PHE B 183 -21.77 90.97 -9.59
N GLU B 184 -21.65 92.27 -9.49
CA GLU B 184 -21.13 93.02 -10.56
C GLU B 184 -19.82 93.43 -10.17
N GLY B 185 -18.89 93.19 -11.02
CA GLY B 185 -17.66 93.86 -10.95
C GLY B 185 -16.70 93.11 -10.17
N VAL B 186 -16.86 91.83 -10.09
CA VAL B 186 -16.32 91.08 -9.02
C VAL B 186 -15.06 90.45 -9.32
N THR B 187 -14.05 90.73 -8.54
CA THR B 187 -12.69 90.50 -8.87
C THR B 187 -12.33 89.17 -8.36
N ALA B 188 -12.81 88.85 -7.19
CA ALA B 188 -12.69 87.55 -6.71
C ALA B 188 -13.66 87.20 -5.73
N ILE B 189 -13.70 85.94 -5.44
CA ILE B 189 -14.64 85.37 -4.56
C ILE B 189 -13.96 84.53 -3.58
N ILE B 190 -14.40 84.54 -2.36
CA ILE B 190 -14.04 83.55 -1.47
C ILE B 190 -15.13 82.79 -0.93
N PHE B 191 -15.24 81.55 -1.31
CA PHE B 191 -16.28 80.72 -0.92
C PHE B 191 -15.88 79.82 0.16
N CYS B 192 -16.57 79.92 1.27
CA CYS B 192 -16.15 79.34 2.48
C CYS B 192 -16.94 78.11 2.76
N VAL B 193 -16.34 77.02 3.15
CA VAL B 193 -17.08 75.83 3.36
C VAL B 193 -16.72 75.28 4.66
N ALA B 194 -17.63 74.70 5.35
CA ALA B 194 -17.30 74.21 6.61
C ALA B 194 -17.14 72.81 6.67
N LEU B 195 -15.99 72.39 7.03
CA LEU B 195 -15.66 71.08 6.77
C LEU B 195 -16.34 70.19 7.68
N SER B 196 -16.80 70.70 8.77
CA SER B 196 -17.19 69.84 9.78
C SER B 196 -18.64 69.72 9.71
N ASP B 197 -19.17 70.02 8.57
CA ASP B 197 -20.56 70.11 8.36
C ASP B 197 -20.97 68.86 7.76
N TYR B 198 -20.06 67.95 7.67
CA TYR B 198 -20.32 66.76 6.93
C TYR B 198 -21.38 65.90 7.46
N ASP B 199 -21.71 66.03 8.71
CA ASP B 199 -22.57 65.09 9.29
C ASP B 199 -23.70 65.74 9.96
N LEU B 200 -23.86 66.99 9.67
CA LEU B 200 -24.97 67.74 10.07
C LEU B 200 -25.99 68.07 9.05
N VAL B 201 -27.05 68.70 9.46
CA VAL B 201 -28.08 69.15 8.57
C VAL B 201 -28.50 70.59 8.71
N LEU B 202 -29.15 71.15 7.74
CA LEU B 202 -29.32 72.53 7.81
C LEU B 202 -30.35 72.86 8.74
N ALA B 203 -30.37 74.07 9.17
CA ALA B 203 -31.36 74.36 10.11
C ALA B 203 -32.58 74.76 9.44
N GLU B 204 -32.56 74.82 8.13
CA GLU B 204 -33.60 75.48 7.43
C GLU B 204 -34.35 74.38 6.85
N ASP B 205 -33.64 73.38 6.44
CA ASP B 205 -34.26 72.18 6.00
C ASP B 205 -33.55 71.00 6.49
N GLU B 206 -33.88 70.56 7.66
CA GLU B 206 -33.25 69.45 8.23
C GLU B 206 -32.80 68.33 7.42
N GLU B 207 -33.43 68.02 6.37
CA GLU B 207 -32.88 67.01 5.62
C GLU B 207 -31.78 67.20 4.74
N MET B 208 -31.62 68.43 4.34
CA MET B 208 -30.40 68.70 3.70
C MET B 208 -29.25 68.60 4.64
N ASN B 209 -28.34 67.75 4.27
CA ASN B 209 -27.05 67.69 4.80
C ASN B 209 -26.41 68.89 4.40
N ARG B 210 -25.64 69.45 5.28
CA ARG B 210 -25.20 70.75 5.11
C ARG B 210 -24.10 70.82 4.14
N MET B 211 -23.51 69.73 3.79
CA MET B 211 -22.32 69.77 3.05
C MET B 211 -22.61 69.54 1.64
N HIS B 212 -23.83 69.17 1.42
CA HIS B 212 -24.37 68.89 0.18
C HIS B 212 -24.95 70.17 -0.23
N GLU B 213 -25.43 70.94 0.69
CA GLU B 213 -25.82 72.23 0.38
C GLU B 213 -24.70 73.06 0.01
N SER B 214 -23.60 72.89 0.64
CA SER B 214 -22.54 73.73 0.31
C SER B 214 -22.07 73.42 -1.00
N MET B 215 -22.61 72.43 -1.63
CA MET B 215 -21.92 71.81 -2.70
C MET B 215 -22.67 72.27 -3.86
N LYS B 216 -23.95 72.41 -3.70
CA LYS B 216 -24.73 72.81 -4.75
C LYS B 216 -24.72 74.22 -4.87
N LEU B 217 -24.36 74.88 -3.82
CA LEU B 217 -24.26 76.29 -3.83
C LEU B 217 -23.04 76.71 -4.54
N PHE B 218 -21.96 76.02 -4.35
CA PHE B 218 -20.81 76.20 -5.15
C PHE B 218 -20.98 75.90 -6.60
N ASP B 219 -21.61 74.83 -6.94
CA ASP B 219 -21.84 74.54 -8.30
C ASP B 219 -22.32 75.80 -8.87
N SER B 220 -22.98 76.58 -8.11
CA SER B 220 -23.97 77.33 -8.70
C SER B 220 -23.45 78.64 -8.69
N ILE B 221 -22.42 78.84 -7.94
CA ILE B 221 -21.61 79.99 -8.02
C ILE B 221 -20.42 79.76 -8.87
N CYS B 222 -19.74 78.68 -8.67
CA CYS B 222 -18.54 78.54 -9.36
C CYS B 222 -18.83 78.92 -10.74
N ASN B 223 -20.00 78.65 -11.19
CA ASN B 223 -20.17 78.14 -12.48
C ASN B 223 -21.16 79.04 -13.04
N ASN B 224 -21.75 79.83 -12.21
CA ASN B 224 -22.51 80.98 -12.58
C ASN B 224 -21.66 81.97 -13.11
N LYS B 225 -22.19 82.95 -13.70
CA LYS B 225 -21.75 83.26 -14.98
C LYS B 225 -21.38 84.61 -14.95
N TRP B 226 -21.94 85.29 -14.00
CA TRP B 226 -21.40 86.50 -13.61
C TRP B 226 -19.96 86.30 -13.30
N PHE B 227 -19.52 85.14 -12.95
CA PHE B 227 -18.21 85.05 -12.40
C PHE B 227 -17.19 84.41 -13.26
N THR B 228 -16.96 84.90 -14.44
CA THR B 228 -16.41 84.08 -15.46
C THR B 228 -14.99 84.41 -15.53
N ASP B 229 -14.72 85.68 -15.37
CA ASP B 229 -13.37 86.16 -15.32
C ASP B 229 -13.12 86.60 -13.92
N THR B 230 -13.74 85.95 -12.98
CA THR B 230 -13.56 86.24 -11.61
C THR B 230 -12.73 85.14 -11.06
N SER B 231 -11.84 85.43 -10.13
CA SER B 231 -11.06 84.43 -9.50
C SER B 231 -11.79 83.79 -8.42
N ILE B 232 -11.53 82.54 -8.19
CA ILE B 232 -12.36 81.75 -7.38
C ILE B 232 -11.58 81.04 -6.36
N ILE B 233 -11.67 81.52 -5.15
CA ILE B 233 -10.99 80.96 -4.08
C ILE B 233 -11.96 80.19 -3.30
N LEU B 234 -11.50 79.17 -2.66
CA LEU B 234 -12.33 78.29 -1.98
C LEU B 234 -11.67 77.92 -0.71
N PHE B 235 -12.32 78.09 0.41
CA PHE B 235 -11.74 77.95 1.73
C PHE B 235 -12.48 76.86 2.35
N LEU B 236 -11.85 75.78 2.59
CA LEU B 236 -12.51 74.79 3.30
C LEU B 236 -12.11 74.90 4.69
N ASN B 237 -13.03 75.29 5.54
CA ASN B 237 -12.74 75.99 6.73
C ASN B 237 -13.12 75.12 7.81
N LYS B 238 -12.70 75.42 8.99
CA LYS B 238 -12.97 74.58 10.08
C LYS B 238 -12.28 73.30 10.19
N LYS B 239 -11.01 73.31 10.02
CA LYS B 239 -10.31 72.15 9.73
C LYS B 239 -9.80 71.69 10.97
N ASP B 240 -9.94 72.47 11.99
CA ASP B 240 -9.72 71.91 13.25
C ASP B 240 -10.81 71.07 13.64
N LEU B 241 -11.94 71.63 13.82
CA LEU B 241 -13.06 70.84 14.09
C LEU B 241 -13.17 69.55 13.35
N PHE B 242 -12.60 69.45 12.21
CA PHE B 242 -12.91 68.43 11.28
C PHE B 242 -11.99 67.35 11.66
N GLU B 243 -10.81 67.75 12.07
CA GLU B 243 -9.80 66.84 12.37
C GLU B 243 -10.17 66.00 13.49
N GLU B 244 -11.04 66.49 14.32
CA GLU B 244 -11.61 65.72 15.34
C GLU B 244 -12.85 65.00 15.10
N LYS B 245 -13.70 65.42 14.21
CA LYS B 245 -14.77 64.55 13.82
C LYS B 245 -14.26 63.41 13.06
N ILE B 246 -13.42 63.68 12.11
CA ILE B 246 -13.13 62.65 11.26
C ILE B 246 -12.64 61.45 11.92
N LYS B 247 -12.46 61.48 13.22
CA LYS B 247 -12.06 60.28 13.90
C LYS B 247 -13.18 59.52 14.45
N LYS B 248 -14.28 60.20 14.69
CA LYS B 248 -15.39 59.63 15.32
C LYS B 248 -16.53 59.38 14.41
N SER B 249 -16.67 60.16 13.39
CA SER B 249 -17.81 60.04 12.57
C SER B 249 -17.35 59.89 11.18
N PRO B 250 -17.99 59.09 10.38
CA PRO B 250 -17.33 58.67 9.22
C PRO B 250 -17.88 59.34 8.05
N LEU B 251 -17.06 59.50 7.06
CA LEU B 251 -17.32 60.42 6.08
C LEU B 251 -18.31 59.96 5.18
N THR B 252 -18.88 58.81 5.43
CA THR B 252 -19.67 58.15 4.42
C THR B 252 -21.06 58.53 4.57
N ILE B 253 -21.35 59.20 5.63
CA ILE B 253 -22.57 59.92 5.81
C ILE B 253 -22.84 60.97 4.86
N CYS B 254 -21.84 61.72 4.47
CA CYS B 254 -21.94 62.61 3.33
C CYS B 254 -21.80 61.94 2.03
N TYR B 255 -20.73 61.25 1.85
CA TYR B 255 -20.45 60.69 0.59
C TYR B 255 -20.37 59.21 0.77
N PRO B 256 -21.20 58.41 0.17
CA PRO B 256 -21.29 57.11 0.69
C PRO B 256 -20.46 56.21 -0.05
N GLU B 257 -19.85 56.71 -1.06
CA GLU B 257 -18.99 55.94 -1.86
C GLU B 257 -17.61 56.23 -1.57
N TYR B 258 -17.34 57.00 -0.59
CA TYR B 258 -15.99 57.04 -0.20
C TYR B 258 -15.76 55.61 0.03
N ALA B 259 -14.56 55.21 0.37
CA ALA B 259 -13.79 54.42 -0.49
C ALA B 259 -12.39 54.41 -0.03
N GLY B 260 -12.14 55.15 0.99
CA GLY B 260 -10.79 55.41 1.35
C GLY B 260 -10.92 55.59 2.79
N SER B 261 -9.86 55.98 3.45
CA SER B 261 -9.78 55.82 4.83
C SER B 261 -10.27 57.02 5.46
N ASN B 262 -10.35 57.02 6.75
CA ASN B 262 -11.09 58.04 7.34
C ASN B 262 -10.30 58.80 8.29
N THR B 263 -9.29 59.35 7.70
CA THR B 263 -8.22 60.05 8.37
C THR B 263 -8.14 61.43 7.72
N TYR B 264 -7.68 62.42 8.41
CA TYR B 264 -7.61 63.75 7.89
C TYR B 264 -7.35 63.86 6.47
N GLU B 265 -6.46 63.08 5.98
CA GLU B 265 -5.52 63.56 5.08
C GLU B 265 -6.16 63.23 3.82
N GLU B 266 -7.06 62.29 3.89
CA GLU B 266 -7.49 61.61 2.77
C GLU B 266 -8.85 62.00 2.69
N ALA B 267 -9.41 62.27 3.81
CA ALA B 267 -10.74 62.65 3.80
C ALA B 267 -10.88 64.03 3.37
N ALA B 268 -9.80 64.70 3.37
CA ALA B 268 -9.85 66.09 3.29
C ALA B 268 -9.65 66.36 1.92
N ALA B 269 -9.00 65.46 1.25
CA ALA B 269 -8.86 65.59 -0.14
C ALA B 269 -9.99 65.01 -0.79
N TYR B 270 -10.56 64.00 -0.27
CA TYR B 270 -11.68 63.60 -0.97
C TYR B 270 -12.51 64.75 -1.24
N ILE B 271 -12.50 65.70 -0.37
CA ILE B 271 -13.50 66.70 -0.43
C ILE B 271 -13.03 67.81 -1.24
N GLN B 272 -11.76 68.07 -1.29
CA GLN B 272 -11.32 69.07 -2.16
C GLN B 272 -11.80 68.69 -3.43
N CYS B 273 -11.63 67.43 -3.75
CA CYS B 273 -11.74 66.93 -5.06
C CYS B 273 -13.15 66.94 -5.41
N GLN B 274 -13.99 66.92 -4.45
CA GLN B 274 -15.34 66.75 -4.78
C GLN B 274 -15.87 68.02 -5.18
N PHE B 275 -15.37 69.09 -4.63
CA PHE B 275 -15.82 70.37 -4.95
C PHE B 275 -15.08 70.81 -6.15
N GLU B 276 -13.79 70.66 -6.21
CA GLU B 276 -13.05 71.38 -7.17
C GLU B 276 -13.52 70.85 -8.53
N ASP B 277 -14.54 70.06 -8.51
CA ASP B 277 -14.88 69.25 -9.60
C ASP B 277 -16.28 69.42 -10.05
N LEU B 278 -16.93 70.39 -9.50
CA LEU B 278 -18.22 70.72 -9.86
C LEU B 278 -18.00 71.85 -10.75
N ASN B 279 -16.77 72.13 -11.00
CA ASN B 279 -16.42 73.13 -11.90
C ASN B 279 -16.48 72.69 -13.25
N LYS B 280 -17.19 73.41 -14.07
CA LYS B 280 -17.41 72.96 -15.39
C LYS B 280 -16.65 73.69 -16.38
N ARG B 281 -15.86 74.63 -15.98
CA ARG B 281 -15.03 75.23 -16.93
C ARG B 281 -13.60 75.17 -16.70
N LYS B 282 -13.00 74.02 -16.82
CA LYS B 282 -11.75 73.80 -16.21
C LYS B 282 -10.70 74.13 -17.14
N ASP B 283 -10.91 73.83 -18.37
CA ASP B 283 -9.98 74.32 -19.29
C ASP B 283 -9.68 75.71 -18.85
N THR B 284 -10.69 76.46 -18.49
CA THR B 284 -10.58 77.89 -18.45
C THR B 284 -10.35 78.43 -17.08
N LYS B 285 -10.72 77.69 -16.09
CA LYS B 285 -10.82 78.28 -14.81
C LYS B 285 -10.39 77.46 -13.71
N GLU B 286 -9.51 78.03 -12.91
CA GLU B 286 -8.92 77.34 -11.82
C GLU B 286 -9.56 77.59 -10.54
N ILE B 287 -9.73 76.57 -9.76
CA ILE B 287 -10.09 76.76 -8.41
C ILE B 287 -9.02 76.49 -7.47
N TYR B 288 -8.99 77.37 -6.52
CA TYR B 288 -7.85 77.65 -5.78
C TYR B 288 -8.18 77.49 -4.35
N THR B 289 -7.74 76.43 -3.75
CA THR B 289 -8.30 75.89 -2.55
C THR B 289 -7.36 76.02 -1.43
N HIS B 290 -7.87 76.41 -0.30
CA HIS B 290 -7.11 76.49 0.89
C HIS B 290 -7.78 75.80 1.95
N PHE B 291 -7.06 75.17 2.86
CA PHE B 291 -7.65 74.65 4.07
C PHE B 291 -7.42 75.56 5.18
N THR B 292 -8.47 76.00 5.90
CA THR B 292 -8.45 77.14 6.82
C THR B 292 -8.98 76.94 8.17
N CYS B 293 -8.40 77.58 9.16
CA CYS B 293 -9.09 77.97 10.38
C CYS B 293 -9.33 79.41 10.50
N ALA B 294 -10.53 79.84 10.39
CA ALA B 294 -10.74 81.22 10.46
C ALA B 294 -10.55 81.83 11.76
N THR B 295 -10.43 81.04 12.77
CA THR B 295 -10.16 81.56 14.04
C THR B 295 -8.74 81.69 14.34
N ASP B 296 -7.87 81.01 13.63
CA ASP B 296 -6.48 81.09 13.92
C ASP B 296 -5.90 82.01 12.99
N THR B 297 -5.19 82.99 13.48
CA THR B 297 -5.25 84.28 12.94
C THR B 297 -4.17 84.23 12.02
N LYS B 298 -3.37 83.24 12.10
CA LYS B 298 -2.24 83.31 11.26
C LYS B 298 -2.11 82.27 10.27
N ASN B 299 -2.83 81.20 10.40
CA ASN B 299 -3.34 80.64 9.23
C ASN B 299 -3.72 81.78 8.54
N VAL B 300 -4.79 82.39 8.94
CA VAL B 300 -5.47 83.16 7.98
C VAL B 300 -4.68 84.13 7.28
N GLN B 301 -3.52 84.44 7.75
CA GLN B 301 -2.80 85.49 7.20
C GLN B 301 -1.92 84.98 6.17
N PHE B 302 -1.63 83.72 6.22
CA PHE B 302 -0.62 83.16 5.42
C PHE B 302 -1.32 82.91 4.21
N VAL B 303 -2.58 82.70 4.39
CA VAL B 303 -3.43 82.24 3.39
C VAL B 303 -3.92 83.36 2.57
N PHE B 304 -4.07 84.52 3.15
CA PHE B 304 -4.63 85.57 2.43
C PHE B 304 -3.62 86.27 1.66
N ASP B 305 -2.40 86.15 2.11
CA ASP B 305 -1.24 86.50 1.35
C ASP B 305 -1.24 85.72 0.14
N ALA B 306 -1.64 84.50 0.18
CA ALA B 306 -1.69 83.73 -0.98
C ALA B 306 -2.74 84.10 -1.91
N VAL B 307 -3.91 84.33 -1.43
CA VAL B 307 -5.00 84.75 -2.24
C VAL B 307 -4.61 85.92 -3.01
N THR B 308 -3.98 86.82 -2.38
CA THR B 308 -3.72 88.06 -2.97
C THR B 308 -2.75 87.90 -4.09
N ASP B 309 -1.90 86.92 -4.04
CA ASP B 309 -0.84 86.85 -4.94
C ASP B 309 -1.50 86.34 -6.16
N VAL B 310 -2.34 85.37 -5.98
CA VAL B 310 -3.19 84.95 -7.04
C VAL B 310 -3.92 86.07 -7.64
N ILE B 311 -4.52 86.88 -6.85
CA ILE B 311 -5.55 87.68 -7.35
C ILE B 311 -4.86 88.52 -8.26
N ILE B 312 -3.57 88.43 -8.26
CA ILE B 312 -2.85 89.44 -8.88
C ILE B 312 -2.51 88.92 -10.17
N LYS B 313 -1.45 88.20 -10.28
CA LYS B 313 -1.45 87.34 -11.38
C LYS B 313 -2.82 86.87 -11.45
N ARG C 1 13.36 -60.52 -30.24
CA ARG C 1 12.33 -60.87 -29.33
C ARG C 1 12.89 -62.10 -28.70
N GLY C 2 12.34 -62.50 -27.57
CA GLY C 2 12.99 -63.42 -26.67
C GLY C 2 13.46 -62.93 -25.32
N TYR C 3 13.65 -61.65 -25.16
CA TYR C 3 14.33 -61.14 -24.04
C TYR C 3 13.48 -60.19 -23.27
N TYR C 4 13.78 -60.02 -21.99
CA TYR C 4 12.99 -59.16 -21.16
C TYR C 4 13.63 -58.02 -20.59
N HIS C 5 14.85 -58.04 -20.25
CA HIS C 5 15.31 -56.76 -19.98
C HIS C 5 16.58 -57.33 -19.88
N GLY C 6 17.22 -57.47 -20.99
CA GLY C 6 18.41 -58.21 -21.00
C GLY C 6 18.38 -59.63 -20.73
N ILE C 7 17.22 -60.18 -20.55
CA ILE C 7 17.08 -61.46 -19.97
C ILE C 7 16.32 -62.26 -20.88
N TRP C 8 16.71 -63.47 -20.98
CA TRP C 8 16.27 -64.26 -22.00
C TRP C 8 15.21 -64.99 -21.40
N VAL C 9 14.03 -64.82 -21.88
CA VAL C 9 12.95 -65.55 -21.34
C VAL C 9 12.28 -66.42 -22.29
N GLY C 10 12.42 -66.18 -23.57
CA GLY C 10 11.81 -67.04 -24.54
C GLY C 10 10.70 -66.48 -25.39
N GLU C 11 10.56 -67.00 -26.58
CA GLU C 11 9.61 -66.48 -27.51
C GLU C 11 8.14 -66.80 -27.29
N ARG D 1 -36.90 73.81 -9.67
CA ARG D 1 -37.06 74.87 -8.72
C ARG D 1 -35.84 74.86 -7.91
N GLY D 2 -35.56 75.91 -7.22
CA GLY D 2 -34.46 75.84 -6.32
C GLY D 2 -33.47 76.83 -6.75
N TYR D 3 -33.66 77.47 -7.87
CA TYR D 3 -32.71 78.41 -8.26
C TYR D 3 -33.39 79.68 -8.38
N TYR D 4 -32.70 80.73 -8.03
CA TYR D 4 -33.13 82.05 -8.31
C TYR D 4 -32.27 82.59 -9.36
N HIS D 5 -31.26 83.29 -8.98
CA HIS D 5 -30.69 84.03 -10.06
C HIS D 5 -29.49 83.31 -10.32
N GLY D 6 -29.60 82.03 -10.23
CA GLY D 6 -28.56 81.19 -10.68
C GLY D 6 -27.90 80.72 -9.49
N ILE D 7 -28.55 80.90 -8.39
CA ILE D 7 -28.04 80.63 -7.12
C ILE D 7 -29.03 79.73 -6.57
N TRP D 8 -28.65 78.95 -5.61
CA TRP D 8 -29.33 77.79 -5.23
C TRP D 8 -29.80 78.14 -3.93
N VAL D 9 -31.06 78.24 -3.78
CA VAL D 9 -31.57 78.90 -2.67
C VAL D 9 -32.50 77.95 -2.19
N GLY D 10 -32.23 76.74 -2.49
CA GLY D 10 -33.07 75.66 -2.12
C GLY D 10 -34.40 75.99 -2.64
N GLU D 11 -35.38 75.14 -2.48
CA GLU D 11 -36.68 75.60 -2.05
C GLU D 11 -36.80 76.07 -0.62
#